data_7CEI
#
_entry.id   7CEI
#
_cell.length_a   65.440
_cell.length_b   76.020
_cell.length_c   119.990
_cell.angle_alpha   90.00
_cell.angle_beta   90.00
_cell.angle_gamma   90.00
#
_symmetry.space_group_name_H-M   'I 2 2 2'
#
loop_
_entity.id
_entity.type
_entity.pdbx_description
1 polymer 'PROTEIN (COLICIN E7 IMMUNITY PROTEIN)'
2 polymer 'PROTEIN (COLICIN E7 IMMUNITY PROTEIN)'
3 non-polymer 'ZINC ION'
4 water water
#
loop_
_entity_poly.entity_id
_entity_poly.type
_entity_poly.pdbx_seq_one_letter_code
_entity_poly.pdbx_strand_id
1 'polypeptide(L)'
;MELKNSISDYTEAEFVQLLKEIEKENVAATDDVLDVLLEHFVKITEHPDGTDLIYYPSDNRDDSPEGIVKEIKEWRAANG
KPGFKQG
;
A
2 'polypeptide(L)'
;ERFAREPMAAGHRMWQMAGLKAQRAQTDVNNKKAAFDAAAKEKSDADVALSSALERRKQKENKEKDAKAKLDKESKRNKP
GKATGKGKPVNNKWLNNAGKDLGSPVPDRIANKLRDKEFKSFDDFRKKFWEEVSKDPELSKQFSRNNNDRMKVGKAPKTR
TQDVSGKRTSFELHHEKPISQNGGVYDMDNISVVTPKRHIDIHRGK
;
B
#
loop_
_chem_comp.id
_chem_comp.type
_chem_comp.name
_chem_comp.formula
ZN non-polymer 'ZINC ION' 'Zn 2'
#
# COMPACT_ATOMS: atom_id res chain seq x y z
N MET A 1 1.35 -3.27 -22.59
CA MET A 1 1.36 -4.65 -23.18
C MET A 1 0.02 -4.97 -23.84
N GLU A 2 -0.17 -6.24 -24.20
CA GLU A 2 -1.41 -6.66 -24.83
C GLU A 2 -2.53 -6.73 -23.80
N LEU A 3 -3.24 -5.61 -23.64
CA LEU A 3 -4.33 -5.53 -22.69
C LEU A 3 -5.67 -5.85 -23.34
N LYS A 4 -6.32 -6.89 -22.84
CA LYS A 4 -7.62 -7.29 -23.37
C LYS A 4 -8.69 -6.57 -22.55
N ASN A 5 -9.80 -6.24 -23.18
CA ASN A 5 -10.88 -5.53 -22.51
C ASN A 5 -11.92 -6.43 -21.89
N SER A 6 -11.61 -7.72 -21.81
CA SER A 6 -12.55 -8.68 -21.24
C SER A 6 -11.81 -9.88 -20.64
N ILE A 7 -12.32 -10.35 -19.51
CA ILE A 7 -11.72 -11.49 -18.81
C ILE A 7 -11.76 -12.78 -19.64
N SER A 8 -12.68 -12.85 -20.59
CA SER A 8 -12.82 -14.05 -21.43
C SER A 8 -11.89 -14.08 -22.64
N ASP A 9 -11.09 -13.03 -22.82
CA ASP A 9 -10.15 -13.01 -23.92
C ASP A 9 -8.86 -13.54 -23.35
N TYR A 10 -8.78 -13.47 -22.02
CA TYR A 10 -7.64 -13.91 -21.24
C TYR A 10 -7.72 -15.38 -20.87
N THR A 11 -6.64 -16.11 -21.09
CA THR A 11 -6.60 -17.50 -20.68
C THR A 11 -6.05 -17.33 -19.26
N GLU A 12 -5.99 -18.39 -18.47
CA GLU A 12 -5.48 -18.25 -17.12
C GLU A 12 -3.99 -17.91 -17.13
N ALA A 13 -3.25 -18.54 -18.03
CA ALA A 13 -1.81 -18.29 -18.16
C ALA A 13 -1.55 -16.83 -18.52
N GLU A 14 -2.43 -16.26 -19.34
CA GLU A 14 -2.30 -14.88 -19.78
C GLU A 14 -2.63 -13.90 -18.66
N PHE A 15 -3.67 -14.18 -17.88
CA PHE A 15 -4.04 -13.30 -16.77
C PHE A 15 -2.96 -13.33 -15.69
N VAL A 16 -2.32 -14.48 -15.51
CA VAL A 16 -1.26 -14.62 -14.54
C VAL A 16 -0.07 -13.77 -14.99
N GLN A 17 0.05 -13.57 -16.30
CA GLN A 17 1.13 -12.75 -16.87
C GLN A 17 0.88 -11.28 -16.52
N LEU A 18 -0.38 -10.87 -16.51
CA LEU A 18 -0.76 -9.51 -16.20
C LEU A 18 -0.53 -9.24 -14.70
N LEU A 19 -0.57 -10.29 -13.89
CA LEU A 19 -0.37 -10.14 -12.46
C LEU A 19 1.12 -9.92 -12.15
N LYS A 20 1.99 -10.54 -12.95
CA LYS A 20 3.43 -10.40 -12.77
C LYS A 20 3.89 -9.03 -13.28
N GLU A 21 3.17 -8.50 -14.26
CA GLU A 21 3.48 -7.20 -14.81
C GLU A 21 3.19 -6.18 -13.72
N ILE A 22 2.05 -6.34 -13.07
CA ILE A 22 1.66 -5.45 -11.98
C ILE A 22 2.68 -5.54 -10.85
N GLU A 23 3.05 -6.76 -10.47
CA GLU A 23 4.01 -6.96 -9.40
C GLU A 23 5.31 -6.26 -9.76
N LYS A 24 5.65 -6.29 -11.05
CA LYS A 24 6.85 -5.65 -11.55
C LYS A 24 6.73 -4.13 -11.43
N GLU A 25 5.60 -3.60 -11.85
CA GLU A 25 5.38 -2.17 -11.79
C GLU A 25 5.21 -1.72 -10.35
N ASN A 26 4.94 -2.69 -9.48
CA ASN A 26 4.73 -2.45 -8.05
C ASN A 26 6.01 -1.91 -7.39
N VAL A 27 7.17 -2.35 -7.87
CA VAL A 27 8.45 -1.92 -7.30
C VAL A 27 9.17 -0.87 -8.13
N ALA A 28 8.53 -0.40 -9.19
CA ALA A 28 9.13 0.63 -10.03
C ALA A 28 9.12 1.94 -9.25
N ALA A 29 10.01 2.85 -9.63
CA ALA A 29 10.15 4.15 -8.99
C ALA A 29 8.84 4.87 -8.71
N THR A 30 7.92 4.89 -9.67
CA THR A 30 6.65 5.56 -9.47
C THR A 30 5.50 4.61 -9.70
N ASP A 31 4.29 5.06 -9.36
CA ASP A 31 3.10 4.24 -9.51
C ASP A 31 2.33 4.60 -10.79
N ASP A 32 2.97 5.33 -11.67
CA ASP A 32 2.32 5.78 -12.91
C ASP A 32 1.78 4.65 -13.79
N VAL A 33 2.62 3.70 -14.17
CA VAL A 33 2.16 2.60 -15.01
C VAL A 33 1.35 1.61 -14.18
N LEU A 34 1.78 1.38 -12.95
CA LEU A 34 1.11 0.45 -12.05
C LEU A 34 -0.37 0.80 -11.82
N ASP A 35 -0.66 2.07 -11.54
CA ASP A 35 -2.03 2.50 -11.30
C ASP A 35 -2.91 2.35 -12.53
N VAL A 36 -2.30 2.25 -13.69
CA VAL A 36 -3.07 2.10 -14.92
C VAL A 36 -3.45 0.63 -15.08
N LEU A 37 -2.52 -0.28 -14.83
CA LEU A 37 -2.82 -1.71 -14.93
C LEU A 37 -3.81 -2.11 -13.83
N LEU A 38 -3.73 -1.47 -12.67
CA LEU A 38 -4.61 -1.79 -11.56
C LEU A 38 -6.07 -1.39 -11.86
N GLU A 39 -6.25 -0.33 -12.64
CA GLU A 39 -7.59 0.11 -13.00
C GLU A 39 -8.19 -0.83 -14.03
N HIS A 40 -7.31 -1.49 -14.77
CA HIS A 40 -7.72 -2.43 -15.80
C HIS A 40 -8.13 -3.76 -15.15
N PHE A 41 -7.31 -4.22 -14.21
CA PHE A 41 -7.57 -5.46 -13.48
C PHE A 41 -8.92 -5.31 -12.79
N VAL A 42 -9.14 -4.11 -12.25
CA VAL A 42 -10.38 -3.82 -11.56
C VAL A 42 -11.59 -3.90 -12.48
N LYS A 43 -11.43 -3.37 -13.68
CA LYS A 43 -12.53 -3.34 -14.64
C LYS A 43 -12.79 -4.66 -15.36
N ILE A 44 -11.75 -5.43 -15.66
CA ILE A 44 -11.96 -6.69 -16.34
C ILE A 44 -12.45 -7.81 -15.42
N THR A 45 -12.07 -7.78 -14.15
CA THR A 45 -12.50 -8.82 -13.20
C THR A 45 -13.89 -8.52 -12.61
N GLU A 46 -14.21 -7.25 -12.44
CA GLU A 46 -15.52 -6.83 -11.91
C GLU A 46 -15.79 -7.22 -10.47
N HIS A 47 -14.77 -7.73 -9.79
CA HIS A 47 -14.89 -8.13 -8.38
C HIS A 47 -15.05 -6.86 -7.55
N PRO A 48 -15.99 -6.88 -6.59
CA PRO A 48 -16.24 -5.72 -5.72
C PRO A 48 -15.07 -5.37 -4.81
N ASP A 49 -14.22 -6.35 -4.54
CA ASP A 49 -13.06 -6.15 -3.67
C ASP A 49 -12.04 -5.21 -4.31
N GLY A 50 -12.02 -5.18 -5.64
CA GLY A 50 -11.09 -4.31 -6.34
C GLY A 50 -9.64 -4.72 -6.13
N THR A 51 -8.77 -3.72 -5.97
CA THR A 51 -7.36 -3.99 -5.78
C THR A 51 -7.09 -4.83 -4.53
N ASP A 52 -8.02 -4.79 -3.58
CA ASP A 52 -7.86 -5.54 -2.33
C ASP A 52 -7.49 -7.00 -2.59
N LEU A 53 -7.90 -7.54 -3.73
CA LEU A 53 -7.59 -8.93 -4.07
C LEU A 53 -6.09 -9.14 -4.17
N ILE A 54 -5.37 -8.09 -4.55
CA ILE A 54 -3.92 -8.16 -4.69
C ILE A 54 -3.19 -7.73 -3.43
N TYR A 55 -3.59 -6.60 -2.85
CA TYR A 55 -2.94 -6.06 -1.67
C TYR A 55 -3.52 -6.46 -0.30
N TYR A 56 -4.73 -6.98 -0.29
CA TYR A 56 -5.35 -7.39 0.97
C TYR A 56 -6.08 -8.73 0.79
N PRO A 57 -5.32 -9.77 0.41
CA PRO A 57 -5.84 -11.12 0.18
C PRO A 57 -6.65 -11.69 1.33
N SER A 58 -7.65 -12.49 1.00
CA SER A 58 -8.49 -13.12 2.00
C SER A 58 -7.67 -14.25 2.62
N ASP A 59 -7.74 -14.36 3.94
CA ASP A 59 -7.00 -15.39 4.67
C ASP A 59 -7.45 -16.81 4.36
N ASN A 60 -8.46 -16.94 3.51
CA ASN A 60 -8.98 -18.25 3.14
C ASN A 60 -8.34 -18.84 1.88
N ARG A 61 -7.36 -18.13 1.32
CA ARG A 61 -6.67 -18.60 0.12
C ARG A 61 -5.21 -18.20 0.18
N ASP A 62 -4.44 -18.61 -0.82
CA ASP A 62 -3.03 -18.27 -0.88
C ASP A 62 -2.80 -16.84 -1.33
N ASP A 63 -1.73 -16.23 -0.82
CA ASP A 63 -1.35 -14.88 -1.21
C ASP A 63 -0.39 -15.12 -2.37
N SER A 64 -0.97 -15.37 -3.54
CA SER A 64 -0.18 -15.64 -4.73
C SER A 64 -1.06 -15.40 -5.97
N PRO A 65 -0.43 -15.28 -7.15
CA PRO A 65 -1.18 -15.06 -8.40
C PRO A 65 -2.20 -16.18 -8.62
N GLU A 66 -1.84 -17.40 -8.21
CA GLU A 66 -2.74 -18.53 -8.34
C GLU A 66 -3.90 -18.33 -7.38
N GLY A 67 -3.60 -17.92 -6.16
CA GLY A 67 -4.63 -17.68 -5.17
C GLY A 67 -5.58 -16.60 -5.65
N ILE A 68 -5.04 -15.61 -6.36
CA ILE A 68 -5.86 -14.51 -6.86
C ILE A 68 -6.78 -15.02 -7.96
N VAL A 69 -6.19 -15.75 -8.91
CA VAL A 69 -6.95 -16.30 -10.03
C VAL A 69 -8.13 -17.14 -9.54
N LYS A 70 -7.85 -17.97 -8.55
CA LYS A 70 -8.85 -18.84 -7.96
C LYS A 70 -10.04 -18.04 -7.46
N GLU A 71 -9.78 -17.02 -6.67
CA GLU A 71 -10.85 -16.20 -6.13
C GLU A 71 -11.69 -15.55 -7.22
N ILE A 72 -11.04 -15.14 -8.31
CA ILE A 72 -11.79 -14.50 -9.39
C ILE A 72 -12.67 -15.53 -10.10
N LYS A 73 -12.12 -16.71 -10.34
CA LYS A 73 -12.85 -17.78 -11.00
C LYS A 73 -14.08 -18.12 -10.17
N GLU A 74 -13.85 -18.39 -8.89
CA GLU A 74 -14.90 -18.76 -7.95
C GLU A 74 -15.99 -17.71 -7.87
N TRP A 75 -15.60 -16.45 -7.75
CA TRP A 75 -16.60 -15.41 -7.65
C TRP A 75 -17.33 -15.17 -8.97
N ARG A 76 -16.63 -15.37 -10.08
CA ARG A 76 -17.25 -15.15 -11.39
C ARG A 76 -18.20 -16.29 -11.74
N ALA A 77 -17.79 -17.52 -11.47
CA ALA A 77 -18.64 -18.67 -11.75
C ALA A 77 -19.86 -18.65 -10.84
N ALA A 78 -19.65 -18.32 -9.57
CA ALA A 78 -20.72 -18.26 -8.59
C ALA A 78 -21.70 -17.11 -8.83
N ASN A 79 -21.41 -16.25 -9.78
CA ASN A 79 -22.30 -15.13 -10.06
C ASN A 79 -22.81 -15.17 -11.49
N GLY A 80 -22.54 -16.28 -12.18
CA GLY A 80 -22.99 -16.46 -13.54
C GLY A 80 -22.35 -15.50 -14.53
N LYS A 81 -21.05 -15.30 -14.40
CA LYS A 81 -20.29 -14.42 -15.30
C LYS A 81 -19.28 -15.24 -16.09
N PRO A 82 -19.09 -14.90 -17.37
CA PRO A 82 -18.13 -15.63 -18.21
C PRO A 82 -16.76 -15.72 -17.55
N GLY A 83 -16.07 -16.83 -17.76
CA GLY A 83 -14.76 -17.00 -17.17
C GLY A 83 -13.60 -16.68 -18.09
N PHE A 84 -12.44 -17.29 -17.79
CA PHE A 84 -11.23 -17.08 -18.57
C PHE A 84 -11.35 -17.85 -19.89
N LYS A 85 -10.74 -17.31 -20.95
CA LYS A 85 -10.78 -17.98 -22.24
C LYS A 85 -10.25 -19.38 -22.04
N GLN A 86 -10.66 -20.32 -22.90
CA GLN A 86 -10.23 -21.70 -22.75
C GLN A 86 -8.86 -22.08 -23.31
N GLY A 87 -8.64 -21.76 -24.59
CA GLY A 87 -7.37 -22.08 -25.25
C GLY A 87 -6.11 -21.64 -24.54
N ARG B 77 12.07 18.88 -2.13
CA ARG B 77 10.93 19.78 -1.77
C ARG B 77 11.25 20.53 -0.47
N ASN B 78 11.62 19.79 0.56
CA ASN B 78 11.93 20.41 1.84
C ASN B 78 13.43 20.55 2.06
N LYS B 79 13.76 21.00 3.27
CA LYS B 79 15.13 21.23 3.68
C LYS B 79 15.59 20.10 4.62
N PRO B 80 16.87 19.71 4.54
CA PRO B 80 17.44 18.64 5.38
C PRO B 80 17.14 18.76 6.87
N GLY B 81 17.63 17.78 7.64
CA GLY B 81 17.41 17.78 9.08
C GLY B 81 17.65 16.41 9.69
N LYS B 82 17.56 16.34 11.01
CA LYS B 82 17.77 15.08 11.73
C LYS B 82 16.47 14.60 12.36
N ALA B 83 16.09 13.36 12.08
CA ALA B 83 14.86 12.81 12.62
C ALA B 83 14.97 12.72 14.14
N THR B 84 13.87 13.03 14.83
CA THR B 84 13.83 12.99 16.28
C THR B 84 12.45 12.54 16.74
N GLY B 85 12.40 11.85 17.87
CA GLY B 85 11.12 11.39 18.39
C GLY B 85 11.27 10.06 19.11
N LYS B 86 10.32 9.75 19.98
CA LYS B 86 10.36 8.51 20.74
C LYS B 86 9.54 7.46 20.02
N GLY B 87 8.60 7.92 19.21
CA GLY B 87 7.73 7.00 18.50
C GLY B 87 6.74 6.52 19.53
N LYS B 88 5.84 5.63 19.14
CA LYS B 88 4.85 5.11 20.06
C LYS B 88 4.77 3.60 19.94
N PRO B 89 4.28 2.92 21.00
CA PRO B 89 4.17 1.46 20.94
C PRO B 89 2.91 1.03 20.19
N VAL B 90 3.07 0.03 19.32
CA VAL B 90 1.95 -0.48 18.54
C VAL B 90 1.93 -2.00 18.62
N ASN B 91 0.77 -2.58 18.33
CA ASN B 91 0.61 -4.03 18.35
C ASN B 91 0.84 -4.59 16.96
N ASN B 92 0.23 -5.74 16.68
CA ASN B 92 0.37 -6.38 15.39
C ASN B 92 -0.79 -6.08 14.44
N LYS B 93 -1.41 -4.93 14.65
CA LYS B 93 -2.52 -4.49 13.80
C LYS B 93 -2.31 -3.00 13.60
N TRP B 94 -1.03 -2.62 13.60
CA TRP B 94 -0.63 -1.23 13.44
C TRP B 94 -1.60 -0.36 12.67
N LEU B 95 -1.67 -0.55 11.34
CA LEU B 95 -2.55 0.27 10.52
C LEU B 95 -3.99 -0.21 10.41
N ASN B 96 -4.18 -1.51 10.16
CA ASN B 96 -5.53 -2.08 10.02
C ASN B 96 -6.51 -1.42 10.99
N ASN B 97 -6.68 -2.03 12.15
CA ASN B 97 -7.57 -1.47 13.15
C ASN B 97 -6.70 -0.73 14.14
N ALA B 98 -7.17 0.40 14.65
CA ALA B 98 -6.41 1.18 15.61
C ALA B 98 -7.05 1.12 16.99
N GLY B 99 -6.20 1.09 18.01
CA GLY B 99 -6.70 1.05 19.38
C GLY B 99 -7.15 2.43 19.82
N LYS B 100 -6.71 3.45 19.09
CA LYS B 100 -7.06 4.84 19.41
C LYS B 100 -8.04 5.47 18.39
N ASP B 101 -7.50 6.24 17.44
CA ASP B 101 -8.33 6.91 16.43
C ASP B 101 -8.15 6.31 15.04
N LEU B 102 -8.25 7.16 14.02
CA LEU B 102 -8.09 6.75 12.63
C LEU B 102 -6.69 7.14 12.16
N GLY B 103 -5.80 7.41 13.12
CA GLY B 103 -4.43 7.79 12.80
C GLY B 103 -3.46 6.91 13.57
N SER B 104 -2.49 6.36 12.85
CA SER B 104 -1.50 5.48 13.46
C SER B 104 -0.14 6.18 13.63
N PRO B 105 0.45 6.07 14.82
CA PRO B 105 1.75 6.69 15.12
C PRO B 105 2.96 5.98 14.54
N VAL B 106 4.13 6.57 14.78
CA VAL B 106 5.40 6.02 14.34
C VAL B 106 5.81 4.96 15.35
N PRO B 107 5.82 3.69 14.95
CA PRO B 107 6.21 2.65 15.90
C PRO B 107 7.51 3.03 16.59
N ASP B 108 7.56 2.89 17.91
CA ASP B 108 8.77 3.24 18.64
C ASP B 108 9.97 2.46 18.14
N ARG B 109 9.74 1.22 17.68
CA ARG B 109 10.82 0.38 17.15
C ARG B 109 11.41 1.02 15.90
N ILE B 110 10.56 1.71 15.15
CA ILE B 110 10.97 2.38 13.92
C ILE B 110 11.70 3.67 14.25
N ALA B 111 11.14 4.45 15.17
CA ALA B 111 11.74 5.71 15.58
C ALA B 111 13.17 5.51 16.07
N ASN B 112 13.43 4.35 16.66
CA ASN B 112 14.75 4.01 17.19
C ASN B 112 15.79 3.80 16.09
N LYS B 113 15.31 3.58 14.87
CA LYS B 113 16.20 3.35 13.75
C LYS B 113 16.50 4.61 12.95
N LEU B 114 15.54 5.52 12.90
CA LEU B 114 15.72 6.76 12.17
C LEU B 114 16.16 7.94 13.04
N ARG B 115 16.23 7.72 14.35
CA ARG B 115 16.63 8.79 15.26
C ARG B 115 18.06 9.24 15.05
N ASP B 116 18.26 10.55 15.08
CA ASP B 116 19.59 11.14 14.92
C ASP B 116 20.24 10.80 13.57
N LYS B 117 19.48 10.99 12.50
CA LYS B 117 19.96 10.74 11.15
C LYS B 117 19.48 11.90 10.30
N GLU B 118 20.28 12.31 9.32
CA GLU B 118 19.91 13.43 8.46
C GLU B 118 19.36 13.00 7.11
N PHE B 119 18.29 13.66 6.69
CA PHE B 119 17.65 13.37 5.42
C PHE B 119 17.57 14.64 4.57
N LYS B 120 17.98 14.53 3.30
CA LYS B 120 17.97 15.66 2.37
C LYS B 120 16.63 16.39 2.32
N SER B 121 15.54 15.63 2.37
CA SER B 121 14.20 16.21 2.34
C SER B 121 13.26 15.25 3.04
N PHE B 122 12.08 15.75 3.44
CA PHE B 122 11.11 14.90 4.12
C PHE B 122 10.73 13.68 3.28
N ASP B 123 10.84 13.82 1.96
CA ASP B 123 10.50 12.70 1.08
C ASP B 123 11.56 11.63 1.25
N ASP B 124 12.79 12.07 1.46
CA ASP B 124 13.90 11.15 1.67
C ASP B 124 13.58 10.36 2.94
N PHE B 125 12.91 11.03 3.88
CA PHE B 125 12.51 10.43 5.15
C PHE B 125 11.41 9.40 4.95
N ARG B 126 10.28 9.83 4.42
CA ARG B 126 9.16 8.92 4.17
C ARG B 126 9.66 7.71 3.39
N LYS B 127 10.58 7.97 2.46
CA LYS B 127 11.14 6.91 1.64
C LYS B 127 11.85 5.88 2.53
N LYS B 128 12.62 6.36 3.49
CA LYS B 128 13.34 5.46 4.37
C LYS B 128 12.45 4.93 5.49
N PHE B 129 11.44 5.71 5.86
CA PHE B 129 10.51 5.30 6.90
C PHE B 129 9.90 3.96 6.49
N TRP B 130 9.34 3.92 5.30
CA TRP B 130 8.72 2.72 4.78
C TRP B 130 9.71 1.57 4.61
N GLU B 131 10.96 1.90 4.30
CA GLU B 131 11.99 0.89 4.12
C GLU B 131 12.17 0.09 5.41
N GLU B 132 12.41 0.81 6.51
CA GLU B 132 12.59 0.21 7.82
C GLU B 132 11.36 -0.60 8.19
N VAL B 133 10.20 -0.01 7.95
CA VAL B 133 8.93 -0.69 8.24
C VAL B 133 8.90 -2.08 7.63
N SER B 134 9.66 -2.28 6.55
CA SER B 134 9.69 -3.57 5.89
C SER B 134 10.83 -4.45 6.38
N LYS B 135 11.69 -3.88 7.23
CA LYS B 135 12.81 -4.62 7.78
C LYS B 135 12.43 -5.21 9.14
N ASP B 136 11.39 -4.63 9.74
CA ASP B 136 10.90 -5.10 11.02
C ASP B 136 10.08 -6.37 10.82
N PRO B 137 10.54 -7.49 11.38
CA PRO B 137 9.85 -8.78 11.24
C PRO B 137 8.46 -8.88 11.86
N GLU B 138 8.12 -7.95 12.74
CA GLU B 138 6.82 -8.00 13.40
C GLU B 138 5.72 -7.20 12.72
N LEU B 139 6.08 -6.07 12.13
CA LEU B 139 5.11 -5.22 11.44
C LEU B 139 4.92 -5.61 9.97
N SER B 140 5.99 -6.05 9.34
CA SER B 140 5.92 -6.43 7.95
C SER B 140 5.02 -7.64 7.78
N LYS B 141 5.09 -8.58 8.72
CA LYS B 141 4.27 -9.78 8.67
C LYS B 141 2.79 -9.43 8.59
N GLN B 142 2.46 -8.17 8.83
CA GLN B 142 1.07 -7.73 8.80
C GLN B 142 0.65 -7.17 7.43
N PHE B 143 1.54 -7.27 6.46
CA PHE B 143 1.25 -6.77 5.11
C PHE B 143 1.32 -7.88 4.08
N SER B 144 0.52 -7.76 3.02
CA SER B 144 0.53 -8.76 1.95
C SER B 144 1.92 -8.81 1.33
N ARG B 145 2.15 -9.77 0.44
CA ARG B 145 3.45 -9.87 -0.21
C ARG B 145 3.66 -8.68 -1.15
N ASN B 146 2.57 -8.23 -1.79
CA ASN B 146 2.63 -7.12 -2.72
C ASN B 146 2.85 -5.78 -2.03
N ASN B 147 2.20 -5.58 -0.89
CA ASN B 147 2.37 -4.35 -0.12
C ASN B 147 3.77 -4.32 0.49
N ASN B 148 4.34 -5.50 0.69
CA ASN B 148 5.68 -5.64 1.25
C ASN B 148 6.74 -5.24 0.24
N ASP B 149 6.54 -5.64 -1.01
CA ASP B 149 7.47 -5.30 -2.08
C ASP B 149 7.50 -3.78 -2.26
N ARG B 150 6.35 -3.13 -2.11
CA ARG B 150 6.25 -1.68 -2.26
C ARG B 150 7.10 -0.93 -1.25
N MET B 151 6.97 -1.32 0.02
CA MET B 151 7.72 -0.67 1.09
C MET B 151 9.22 -0.92 1.02
N LYS B 152 9.61 -2.07 0.48
CA LYS B 152 11.04 -2.42 0.37
C LYS B 152 11.81 -1.47 -0.53
N VAL B 153 11.13 -0.88 -1.50
CA VAL B 153 11.77 0.06 -2.41
C VAL B 153 11.48 1.49 -1.96
N GLY B 154 10.79 1.61 -0.83
CA GLY B 154 10.48 2.92 -0.27
C GLY B 154 9.12 3.54 -0.56
N LYS B 155 8.21 2.78 -1.17
CA LYS B 155 6.91 3.31 -1.48
C LYS B 155 5.91 3.02 -0.37
N ALA B 156 4.95 3.92 -0.19
CA ALA B 156 3.92 3.74 0.82
C ALA B 156 3.05 2.56 0.42
N PRO B 157 2.59 1.76 1.39
CA PRO B 157 1.74 0.62 1.03
C PRO B 157 0.39 1.11 0.52
N LYS B 158 -0.27 0.31 -0.32
CA LYS B 158 -1.56 0.69 -0.85
C LYS B 158 -2.59 0.54 0.26
N THR B 159 -3.63 1.37 0.25
CA THR B 159 -4.66 1.27 1.26
C THR B 159 -5.71 0.30 0.74
N ARG B 160 -6.82 0.19 1.45
CA ARG B 160 -7.90 -0.70 1.02
C ARG B 160 -8.78 0.19 0.18
N THR B 161 -9.39 -0.38 -0.84
CA THR B 161 -10.24 0.40 -1.74
C THR B 161 -11.18 1.39 -1.07
N GLN B 162 -11.61 1.08 0.15
CA GLN B 162 -12.54 1.95 0.84
C GLN B 162 -11.90 3.14 1.55
N ASP B 163 -10.57 3.18 1.60
CA ASP B 163 -9.88 4.28 2.26
C ASP B 163 -9.20 5.19 1.25
N VAL B 164 -9.44 4.90 -0.03
CA VAL B 164 -8.86 5.66 -1.12
C VAL B 164 -9.67 6.89 -1.49
N SER B 165 -8.97 7.94 -1.90
CA SER B 165 -9.64 9.18 -2.31
C SER B 165 -8.96 9.77 -3.55
N GLY B 166 -9.69 9.77 -4.66
CA GLY B 166 -9.15 10.30 -5.91
C GLY B 166 -8.09 9.38 -6.48
N LYS B 167 -6.91 9.94 -6.73
CA LYS B 167 -5.81 9.16 -7.28
C LYS B 167 -4.88 8.74 -6.15
N ARG B 168 -5.17 9.23 -4.95
CA ARG B 168 -4.39 8.88 -3.78
C ARG B 168 -4.90 7.52 -3.32
N THR B 169 -4.04 6.52 -3.43
CA THR B 169 -4.43 5.18 -3.05
C THR B 169 -3.40 4.57 -2.11
N SER B 170 -2.46 5.40 -1.67
CA SER B 170 -1.38 4.98 -0.78
C SER B 170 -1.45 5.62 0.59
N PHE B 171 -0.79 5.01 1.57
CA PHE B 171 -0.78 5.56 2.92
C PHE B 171 0.04 6.84 2.94
N GLU B 172 -0.44 7.84 3.67
CA GLU B 172 0.24 9.12 3.74
C GLU B 172 0.83 9.46 5.10
N LEU B 173 1.88 10.29 5.09
CA LEU B 173 2.57 10.72 6.31
C LEU B 173 2.11 12.14 6.66
N HIS B 174 1.27 12.27 7.69
CA HIS B 174 0.78 13.58 8.10
C HIS B 174 1.61 14.24 9.19
N HIS B 175 1.48 15.56 9.31
CA HIS B 175 2.19 16.34 10.32
C HIS B 175 1.20 16.94 11.31
N GLU B 176 1.40 16.66 12.59
CA GLU B 176 0.51 17.17 13.63
C GLU B 176 0.66 18.68 13.76
N LYS B 177 1.90 19.14 13.89
CA LYS B 177 2.20 20.56 14.01
C LYS B 177 2.73 21.04 12.66
N PRO B 178 1.87 21.66 11.83
CA PRO B 178 2.25 22.16 10.50
C PRO B 178 3.68 22.70 10.46
N ILE B 179 4.33 22.53 9.30
CA ILE B 179 5.70 23.01 9.13
C ILE B 179 5.69 24.52 9.35
N SER B 180 4.48 25.08 9.32
CA SER B 180 4.29 26.51 9.53
C SER B 180 4.48 26.80 11.02
N GLN B 181 3.47 26.49 11.81
CA GLN B 181 3.50 26.71 13.26
C GLN B 181 4.39 25.73 14.03
N ASN B 182 5.61 26.14 14.34
CA ASN B 182 6.57 25.32 15.07
C ASN B 182 7.21 24.21 14.23
N GLY B 183 6.96 24.24 12.93
CA GLY B 183 7.53 23.24 12.04
C GLY B 183 7.59 21.82 12.58
N GLY B 184 8.81 21.29 12.65
CA GLY B 184 9.00 19.93 13.13
C GLY B 184 8.75 18.95 12.00
N VAL B 185 9.60 19.00 10.99
CA VAL B 185 9.46 18.14 9.81
C VAL B 185 9.86 16.68 10.04
N TYR B 186 10.91 16.46 10.82
CA TYR B 186 11.36 15.10 11.10
C TYR B 186 11.05 14.69 12.52
N ASP B 187 10.21 15.46 13.18
CA ASP B 187 9.82 15.16 14.55
C ASP B 187 8.92 13.93 14.44
N MET B 188 9.49 12.76 14.66
CA MET B 188 8.75 11.52 14.55
C MET B 188 7.58 11.49 15.51
N ASP B 189 7.58 12.41 16.47
CA ASP B 189 6.48 12.47 17.43
C ASP B 189 5.47 13.47 16.91
N ASN B 190 5.75 14.05 15.75
CA ASN B 190 4.87 15.02 15.12
C ASN B 190 4.30 14.44 13.85
N ILE B 191 4.66 13.20 13.55
CA ILE B 191 4.19 12.54 12.34
C ILE B 191 3.33 11.31 12.58
N SER B 192 2.20 11.26 11.87
CA SER B 192 1.26 10.13 11.97
C SER B 192 0.85 9.63 10.58
N VAL B 193 0.70 8.32 10.45
CA VAL B 193 0.31 7.70 9.19
C VAL B 193 -1.20 7.73 9.06
N VAL B 194 -1.71 8.16 7.92
CA VAL B 194 -3.15 8.22 7.70
C VAL B 194 -3.61 7.86 6.29
N THR B 195 -4.90 7.65 6.13
CA THR B 195 -5.48 7.31 4.84
C THR B 195 -5.94 8.62 4.18
N PRO B 196 -5.99 8.67 2.84
CA PRO B 196 -6.42 9.87 2.13
C PRO B 196 -7.76 10.37 2.64
N LYS B 197 -8.73 9.47 2.74
CA LYS B 197 -10.06 9.83 3.23
C LYS B 197 -9.92 10.58 4.54
N ARG B 198 -8.97 10.14 5.35
CA ARG B 198 -8.71 10.76 6.65
C ARG B 198 -7.96 12.07 6.52
N HIS B 199 -6.78 12.02 5.93
CA HIS B 199 -5.98 13.22 5.76
C HIS B 199 -6.81 14.32 5.10
N ILE B 200 -7.50 13.96 4.03
CA ILE B 200 -8.35 14.93 3.35
C ILE B 200 -9.40 15.42 4.33
N ASP B 201 -9.89 14.50 5.17
CA ASP B 201 -10.89 14.84 6.16
C ASP B 201 -10.31 15.78 7.22
N ILE B 202 -9.23 15.36 7.86
CA ILE B 202 -8.57 16.16 8.90
C ILE B 202 -7.77 17.30 8.31
N HIS B 203 -8.39 18.03 7.39
CA HIS B 203 -7.76 19.17 6.72
C HIS B 203 -8.87 20.17 6.42
ZN ZN C . -1.27 16.91 6.54
#